data_8CCW
#
_entry.id   8CCW
#
_cell.length_a   78.721
_cell.length_b   127.760
_cell.length_c   77.576
_cell.angle_alpha   90.000
_cell.angle_beta   90.000
_cell.angle_gamma   90.000
#
_symmetry.space_group_name_H-M   'C 2 2 21'
#
loop_
_entity.id
_entity.type
_entity.pdbx_description
1 polymer 'NAD-dependent protein deacetylase sirtuin-3, mitochondrial'
2 polymer 'Protein Tat'
3 non-polymer 'ZINC ION'
4 water water
#
loop_
_entity_poly.entity_id
_entity_poly.type
_entity_poly.pdbx_seq_one_letter_code
_entity_poly.pdbx_strand_id
1 'polypeptide(L)'
;SDKGKLSLQDVAELIRARACQRVVVMVGAGISTPSGIPDFRSPGSGLYSNLQQYDLPYPEAIFELPFFFHNPKPFFTLAK
ELYPGNYKPNVTHYFLRLLHDKGLLLRLYTQNIDGLERVSGIPASKLVEAHGTFASATCTVCQRPFPGEDIRADVMADRV
PRCPVCTGVVKPDIVFFGEPLPQRFLLHVVDFPMADLLLILGTSLEVEPFASLTEAVRSSVPRLLINRDLVGPLAWHPRS
RDVAQLGDVVHGVESLVELLGWTEEMRDLVQRETGKLDGPDK
;
A
2 'polypeptide(L)' SYGR(ALY)KRRQ B
#
loop_
_chem_comp.id
_chem_comp.type
_chem_comp.name
_chem_comp.formula
ZN non-polymer 'ZINC ION' 'Zn 2'
#
# COMPACT_ATOMS: atom_id res chain seq x y z
N GLY A 4 27.79 -14.36 8.46
CA GLY A 4 27.80 -13.43 7.34
C GLY A 4 26.43 -12.90 6.90
N LYS A 5 25.97 -13.38 5.73
CA LYS A 5 24.70 -12.94 5.18
C LYS A 5 23.54 -13.67 5.86
N LEU A 6 22.53 -12.90 6.27
CA LEU A 6 21.36 -13.44 6.96
C LEU A 6 20.44 -14.15 6.00
N SER A 7 19.78 -15.18 6.51
CA SER A 7 18.74 -15.90 5.82
C SER A 7 17.36 -15.51 6.37
N LEU A 8 16.33 -15.91 5.63
CA LEU A 8 14.97 -15.81 6.16
C LEU A 8 14.84 -16.43 7.55
N GLN A 9 15.46 -17.62 7.76
CA GLN A 9 15.33 -18.25 9.06
C GLN A 9 15.98 -17.38 10.14
N ASP A 10 17.10 -16.71 9.81
CA ASP A 10 17.76 -15.80 10.75
C ASP A 10 16.80 -14.70 11.20
N VAL A 11 16.11 -14.07 10.24
CA VAL A 11 15.15 -13.02 10.60
C VAL A 11 14.05 -13.58 11.47
N ALA A 12 13.52 -14.77 11.11
CA ALA A 12 12.49 -15.36 11.96
C ALA A 12 13.05 -15.59 13.36
N GLU A 13 14.31 -16.02 13.46
CA GLU A 13 14.81 -16.27 14.83
C GLU A 13 15.02 -14.98 15.61
N LEU A 14 15.43 -13.89 14.95
CA LEU A 14 15.50 -12.59 15.63
C LEU A 14 14.16 -12.20 16.21
N ILE A 15 13.08 -12.45 15.46
CA ILE A 15 11.77 -12.16 16.03
C ILE A 15 11.43 -13.13 17.15
N ARG A 16 11.66 -14.43 16.94
CA ARG A 16 11.24 -15.41 17.93
C ARG A 16 12.00 -15.20 19.25
N ALA A 17 13.25 -14.79 19.12
CA ALA A 17 14.09 -14.54 20.32
C ALA A 17 13.85 -13.15 20.92
N ARG A 18 12.98 -12.34 20.30
CA ARG A 18 12.64 -10.99 20.79
C ARG A 18 13.86 -10.08 20.77
N ALA A 19 14.72 -10.34 19.79
CA ALA A 19 15.80 -9.42 19.47
C ALA A 19 15.30 -8.29 18.61
N CYS A 20 14.23 -8.52 17.83
CA CYS A 20 13.54 -7.48 17.07
C CYS A 20 12.16 -7.30 17.71
N GLN A 21 11.84 -6.06 18.12
CA GLN A 21 10.59 -5.73 18.77
C GLN A 21 9.73 -4.70 18.05
N ARG A 22 10.32 -3.95 17.10
CA ARG A 22 9.67 -2.74 16.56
C ARG A 22 9.85 -2.80 15.03
N VAL A 23 8.87 -3.41 14.36
CA VAL A 23 8.98 -3.69 12.94
C VAL A 23 8.25 -2.59 12.19
N VAL A 24 8.92 -2.01 11.22
CA VAL A 24 8.28 -1.10 10.27
C VAL A 24 8.14 -1.85 8.97
N VAL A 25 6.99 -1.67 8.30
CA VAL A 25 6.68 -2.40 7.08
C VAL A 25 6.41 -1.40 5.97
N MET A 26 6.94 -1.69 4.78
CA MET A 26 6.61 -0.95 3.57
C MET A 26 5.97 -1.92 2.58
N VAL A 27 4.82 -1.56 1.98
CA VAL A 27 4.18 -2.48 1.01
C VAL A 27 3.72 -1.70 -0.21
N GLY A 28 3.57 -2.43 -1.31
CA GLY A 28 2.99 -1.86 -2.55
C GLY A 28 2.05 -2.83 -3.26
N ALA A 29 1.83 -2.61 -4.56
CA ALA A 29 0.67 -3.20 -5.23
C ALA A 29 0.76 -4.73 -5.28
N GLY A 30 1.97 -5.25 -5.22
CA GLY A 30 2.20 -6.69 -5.21
C GLY A 30 1.53 -7.44 -4.06
N ILE A 31 1.26 -6.75 -2.93
CA ILE A 31 0.57 -7.51 -1.89
C ILE A 31 -0.92 -7.62 -2.15
N SER A 32 -1.46 -6.91 -3.15
CA SER A 32 -2.91 -6.95 -3.31
C SER A 32 -3.33 -7.64 -4.59
N THR A 33 -2.39 -7.94 -5.47
CA THR A 33 -2.80 -8.75 -6.63
C THR A 33 -3.42 -10.10 -6.24
N PRO A 34 -3.01 -10.77 -5.17
CA PRO A 34 -3.69 -12.04 -4.81
C PRO A 34 -5.14 -11.86 -4.43
N SER A 35 -5.59 -10.64 -4.09
CA SER A 35 -7.00 -10.42 -3.83
C SER A 35 -7.81 -10.36 -5.12
N GLY A 36 -7.14 -10.35 -6.25
CA GLY A 36 -7.85 -10.31 -7.53
C GLY A 36 -7.91 -8.92 -8.12
N ILE A 37 -7.21 -7.96 -7.52
CA ILE A 37 -7.29 -6.59 -8.02
C ILE A 37 -6.51 -6.53 -9.33
N PRO A 38 -7.19 -6.19 -10.43
CA PRO A 38 -6.50 -6.15 -11.73
C PRO A 38 -5.59 -4.95 -11.83
N ASP A 39 -4.42 -5.16 -12.40
CA ASP A 39 -3.52 -4.04 -12.71
C ASP A 39 -4.14 -3.20 -13.85
N PHE A 40 -4.38 -1.90 -13.56
CA PHE A 40 -5.02 -1.05 -14.57
C PHE A 40 -4.15 -0.89 -15.83
N ARG A 41 -2.84 -1.13 -15.70
CA ARG A 41 -1.92 -1.08 -16.84
C ARG A 41 -1.98 -2.33 -17.71
N SER A 42 -2.54 -3.48 -17.22
CA SER A 42 -2.31 -4.74 -17.96
C SER A 42 -3.49 -5.10 -18.84
N PRO A 43 -3.28 -5.37 -20.13
CA PRO A 43 -4.39 -5.83 -20.96
C PRO A 43 -4.97 -7.12 -20.41
N GLY A 44 -6.28 -7.29 -20.59
CA GLY A 44 -6.93 -8.52 -20.16
C GLY A 44 -8.18 -8.41 -19.30
N SER A 45 -8.24 -7.44 -18.38
CA SER A 45 -9.34 -7.34 -17.44
C SER A 45 -10.48 -6.50 -17.98
N GLY A 46 -11.63 -6.60 -17.31
CA GLY A 46 -12.71 -5.66 -17.56
C GLY A 46 -12.33 -4.22 -17.25
N LEU A 47 -11.61 -4.00 -16.14
CA LEU A 47 -11.10 -2.66 -15.82
C LEU A 47 -10.27 -2.11 -16.97
N TYR A 48 -9.29 -2.88 -17.43
CA TYR A 48 -8.47 -2.43 -18.57
C TYR A 48 -9.34 -2.08 -19.77
N SER A 49 -10.31 -2.94 -20.10
CA SER A 49 -11.17 -2.70 -21.26
C SER A 49 -12.02 -1.45 -21.08
N ASN A 50 -12.56 -1.25 -19.86
CA ASN A 50 -13.33 -0.04 -19.61
C ASN A 50 -12.45 1.20 -19.69
N LEU A 51 -11.18 1.09 -19.32
CA LEU A 51 -10.33 2.29 -19.42
C LEU A 51 -10.01 2.62 -20.87
N GLN A 52 -10.03 1.63 -21.76
CA GLN A 52 -9.67 1.81 -23.16
C GLN A 52 -10.66 2.66 -23.92
N GLN A 53 -11.89 2.77 -23.44
CA GLN A 53 -12.85 3.61 -24.13
C GLN A 53 -12.52 5.10 -24.06
N TYR A 54 -11.51 5.50 -23.29
CA TYR A 54 -11.21 6.91 -23.07
C TYR A 54 -9.91 7.29 -23.77
N ASP A 55 -9.57 8.57 -23.64
CA ASP A 55 -8.44 9.16 -24.36
C ASP A 55 -7.18 9.25 -23.48
N LEU A 56 -7.00 8.27 -22.56
CA LEU A 56 -5.75 8.11 -21.79
C LEU A 56 -4.55 7.94 -22.71
N PRO A 57 -3.59 8.87 -22.70
CA PRO A 57 -2.38 8.68 -23.51
C PRO A 57 -1.46 7.58 -22.98
N TYR A 58 -1.56 7.25 -21.70
CA TYR A 58 -0.75 6.23 -21.04
C TYR A 58 -1.37 6.01 -19.67
N PRO A 59 -1.16 4.85 -19.06
CA PRO A 59 -1.97 4.50 -17.87
C PRO A 59 -1.79 5.45 -16.70
N GLU A 60 -0.57 5.91 -16.46
CA GLU A 60 -0.36 6.71 -15.28
C GLU A 60 -1.01 8.10 -15.36
N ALA A 61 -1.51 8.51 -16.54
CA ALA A 61 -2.27 9.77 -16.56
C ALA A 61 -3.51 9.69 -15.66
N ILE A 62 -3.93 8.47 -15.29
CA ILE A 62 -5.07 8.35 -14.36
C ILE A 62 -4.78 9.00 -13.03
N PHE A 63 -3.50 9.14 -12.67
CA PHE A 63 -3.09 9.82 -11.46
C PHE A 63 -2.32 11.13 -11.74
N GLU A 64 -2.65 11.83 -12.82
CA GLU A 64 -2.05 13.14 -13.10
C GLU A 64 -3.14 14.20 -13.14
N LEU A 65 -2.88 15.35 -12.53
CA LEU A 65 -3.95 16.33 -12.44
C LEU A 65 -4.31 16.95 -13.78
N PRO A 66 -3.34 17.24 -14.68
CA PRO A 66 -3.79 17.86 -15.96
C PRO A 66 -4.77 16.94 -16.69
N PHE A 67 -4.43 15.65 -16.78
CA PHE A 67 -5.37 14.74 -17.42
C PHE A 67 -6.70 14.68 -16.67
N PHE A 68 -6.62 14.55 -15.34
CA PHE A 68 -7.83 14.46 -14.52
C PHE A 68 -8.81 15.59 -14.83
N PHE A 69 -8.30 16.81 -14.89
CA PHE A 69 -9.22 17.94 -15.09
C PHE A 69 -9.72 17.96 -16.54
N HIS A 70 -8.90 17.49 -17.48
CA HIS A 70 -9.38 17.32 -18.85
C HIS A 70 -10.49 16.29 -18.95
N ASN A 71 -10.34 15.16 -18.28
CA ASN A 71 -11.33 14.08 -18.31
C ASN A 71 -11.24 13.26 -17.02
N PRO A 72 -12.10 13.51 -16.03
CA PRO A 72 -12.02 12.71 -14.79
C PRO A 72 -12.60 11.30 -14.90
N LYS A 73 -13.24 10.95 -16.01
CA LYS A 73 -13.90 9.64 -16.08
C LYS A 73 -12.95 8.44 -15.94
N PRO A 74 -11.75 8.39 -16.55
CA PRO A 74 -10.90 7.21 -16.30
C PRO A 74 -10.58 7.03 -14.82
N PHE A 75 -10.23 8.11 -14.11
CA PHE A 75 -9.96 7.95 -12.68
C PHE A 75 -11.18 7.41 -11.95
N PHE A 76 -12.38 7.95 -12.25
CA PHE A 76 -13.54 7.47 -11.49
C PHE A 76 -13.93 6.05 -11.89
N THR A 77 -13.53 5.59 -13.09
CA THR A 77 -13.70 4.18 -13.44
C THR A 77 -12.83 3.31 -12.53
N LEU A 78 -11.60 3.75 -12.28
CA LEU A 78 -10.77 3.03 -11.31
C LEU A 78 -11.34 3.13 -9.91
N ALA A 79 -11.82 4.32 -9.50
CA ALA A 79 -12.38 4.48 -8.17
C ALA A 79 -13.56 3.52 -7.95
N LYS A 80 -14.41 3.37 -8.96
CA LYS A 80 -15.55 2.49 -8.82
C LYS A 80 -15.11 1.04 -8.59
N GLU A 81 -14.04 0.63 -9.30
CA GLU A 81 -13.52 -0.74 -9.17
C GLU A 81 -12.96 -0.98 -7.78
N LEU A 82 -12.31 0.02 -7.20
CA LEU A 82 -11.51 -0.12 -5.99
C LEU A 82 -12.23 0.34 -4.76
N TYR A 83 -13.46 0.80 -4.89
CA TYR A 83 -14.16 1.39 -3.77
C TYR A 83 -14.47 0.31 -2.74
N PRO A 84 -14.48 0.68 -1.45
CA PRO A 84 -14.58 -0.31 -0.37
C PRO A 84 -15.72 -1.28 -0.57
N GLY A 85 -15.43 -2.58 -0.46
CA GLY A 85 -16.43 -3.64 -0.55
C GLY A 85 -16.21 -4.66 -1.65
N ASN A 86 -15.58 -4.26 -2.74
CA ASN A 86 -15.41 -5.17 -3.88
C ASN A 86 -14.33 -6.22 -3.67
N TYR A 87 -13.31 -5.89 -2.89
CA TYR A 87 -12.17 -6.78 -2.69
C TYR A 87 -11.98 -7.03 -1.20
N LYS A 88 -11.45 -8.22 -0.88
CA LYS A 88 -11.11 -8.61 0.47
C LYS A 88 -9.59 -8.59 0.65
N PRO A 89 -9.10 -8.35 1.86
CA PRO A 89 -7.66 -8.55 2.11
C PRO A 89 -7.28 -10.01 1.93
N ASN A 90 -6.01 -10.26 1.68
CA ASN A 90 -5.57 -11.65 1.49
C ASN A 90 -4.58 -12.01 2.59
N VAL A 91 -3.93 -13.17 2.42
CA VAL A 91 -3.05 -13.71 3.47
CA VAL A 91 -3.09 -13.67 3.51
C VAL A 91 -1.96 -12.71 3.82
N THR A 92 -1.46 -11.95 2.83
CA THR A 92 -0.41 -10.97 3.11
CA THR A 92 -0.40 -10.99 3.14
C THR A 92 -0.92 -9.91 4.07
N HIS A 93 -2.13 -9.36 3.80
CA HIS A 93 -2.68 -8.38 4.74
C HIS A 93 -2.88 -8.98 6.13
N TYR A 94 -3.36 -10.22 6.19
CA TYR A 94 -3.67 -10.79 7.51
C TYR A 94 -2.39 -11.17 8.24
N PHE A 95 -1.32 -11.46 7.52
CA PHE A 95 -0.02 -11.60 8.19
C PHE A 95 0.36 -10.30 8.89
N LEU A 96 0.17 -9.16 8.21
CA LEU A 96 0.49 -7.88 8.84
C LEU A 96 -0.48 -7.59 9.99
N ARG A 97 -1.75 -7.99 9.86
CA ARG A 97 -2.68 -7.83 10.98
C ARG A 97 -2.24 -8.68 12.19
N LEU A 98 -1.79 -9.92 11.93
CA LEU A 98 -1.37 -10.77 13.06
C LEU A 98 -0.11 -10.22 13.66
N LEU A 99 0.78 -9.67 12.82
CA LEU A 99 1.97 -9.00 13.33
C LEU A 99 1.61 -7.85 14.30
N HIS A 100 0.63 -7.03 13.91
CA HIS A 100 0.09 -6.03 14.83
C HIS A 100 -0.47 -6.65 16.09
N ASP A 101 -1.31 -7.67 15.95
CA ASP A 101 -1.94 -8.27 17.13
C ASP A 101 -0.91 -8.86 18.07
N LYS A 102 0.20 -9.34 17.53
CA LYS A 102 1.27 -9.91 18.34
C LYS A 102 2.21 -8.84 18.93
N GLY A 103 1.90 -7.56 18.73
CA GLY A 103 2.61 -6.48 19.40
C GLY A 103 3.90 -6.10 18.74
N LEU A 104 4.09 -6.48 17.48
CA LEU A 104 5.34 -6.23 16.75
C LEU A 104 5.30 -5.04 15.80
N LEU A 105 4.12 -4.48 15.51
CA LEU A 105 4.02 -3.49 14.42
C LEU A 105 4.26 -2.08 14.92
N LEU A 106 5.41 -1.48 14.55
CA LEU A 106 5.58 -0.06 14.85
C LEU A 106 4.72 0.79 13.93
N ARG A 107 4.78 0.50 12.64
CA ARG A 107 3.97 1.24 11.68
C ARG A 107 4.00 0.50 10.35
N LEU A 108 2.89 0.58 9.62
CA LEU A 108 2.78 -0.01 8.27
C LEU A 108 2.59 1.14 7.29
N TYR A 109 3.59 1.36 6.44
CA TYR A 109 3.53 2.36 5.38
C TYR A 109 3.05 1.68 4.09
N THR A 110 1.98 2.18 3.48
CA THR A 110 1.49 1.56 2.26
C THR A 110 1.42 2.55 1.11
N GLN A 111 1.76 2.08 -0.09
CA GLN A 111 1.54 2.84 -1.32
C GLN A 111 0.18 2.57 -1.90
N ASN A 112 -0.52 1.53 -1.42
CA ASN A 112 -1.75 1.12 -2.11
C ASN A 112 -2.89 2.02 -1.69
N ILE A 113 -3.90 2.10 -2.58
CA ILE A 113 -5.10 2.88 -2.35
C ILE A 113 -6.35 2.01 -2.29
N ASP A 114 -6.18 0.69 -2.13
CA ASP A 114 -7.32 -0.21 -2.05
C ASP A 114 -7.93 -0.29 -0.63
N GLY A 115 -7.31 0.31 0.39
CA GLY A 115 -7.82 0.33 1.74
C GLY A 115 -7.84 -1.03 2.44
N LEU A 116 -7.14 -2.03 1.87
CA LEU A 116 -7.27 -3.37 2.45
C LEU A 116 -6.52 -3.50 3.78
N GLU A 117 -5.53 -2.64 4.05
CA GLU A 117 -4.88 -2.70 5.36
C GLU A 117 -5.90 -2.40 6.45
N ARG A 118 -6.67 -1.32 6.28
CA ARG A 118 -7.63 -1.03 7.34
C ARG A 118 -8.76 -2.06 7.37
N VAL A 119 -9.16 -2.57 6.21
CA VAL A 119 -10.18 -3.63 6.19
C VAL A 119 -9.71 -4.85 6.97
N SER A 120 -8.41 -5.17 6.91
CA SER A 120 -7.91 -6.36 7.63
C SER A 120 -7.96 -6.14 9.12
N GLY A 121 -8.30 -4.93 9.57
CA GLY A 121 -8.42 -4.65 10.99
C GLY A 121 -7.20 -4.03 11.61
N ILE A 122 -6.23 -3.61 10.81
CA ILE A 122 -5.10 -2.88 11.43
C ILE A 122 -5.59 -1.48 11.82
N PRO A 123 -5.40 -1.04 13.06
CA PRO A 123 -5.90 0.29 13.46
C PRO A 123 -5.29 1.42 12.64
N ALA A 124 -6.09 2.45 12.38
CA ALA A 124 -5.64 3.62 11.63
C ALA A 124 -4.36 4.21 12.21
N SER A 125 -4.22 4.20 13.55
CA SER A 125 -3.04 4.81 14.15
C SER A 125 -1.77 4.08 13.76
N LYS A 126 -1.87 2.81 13.37
CA LYS A 126 -0.68 2.06 12.99
C LYS A 126 -0.37 2.17 11.51
N LEU A 127 -1.21 2.86 10.73
CA LEU A 127 -1.10 2.88 9.28
C LEU A 127 -0.70 4.26 8.79
N VAL A 128 0.14 4.28 7.77
CA VAL A 128 0.38 5.49 6.97
C VAL A 128 0.02 5.16 5.54
N GLU A 129 -1.15 5.63 5.09
CA GLU A 129 -1.62 5.44 3.71
C GLU A 129 -0.96 6.55 2.88
N ALA A 130 0.31 6.30 2.51
CA ALA A 130 1.19 7.32 1.95
C ALA A 130 0.71 7.91 0.62
N HIS A 131 -0.06 7.13 -0.17
CA HIS A 131 -0.60 7.64 -1.42
C HIS A 131 -2.09 7.94 -1.30
N GLY A 132 -2.58 8.14 -0.06
CA GLY A 132 -3.94 8.63 0.17
C GLY A 132 -4.98 7.52 0.27
N THR A 133 -6.26 7.92 0.20
CA THR A 133 -7.36 7.06 0.59
C THR A 133 -8.65 7.53 -0.08
N PHE A 134 -9.50 6.58 -0.38
CA PHE A 134 -10.88 6.85 -0.82
C PHE A 134 -11.83 7.06 0.36
N ALA A 135 -11.30 6.99 1.60
CA ALA A 135 -12.14 7.21 2.78
C ALA A 135 -12.61 8.66 2.91
N SER A 136 -11.94 9.61 2.25
CA SER A 136 -12.30 11.02 2.30
C SER A 136 -12.05 11.62 0.91
N ALA A 137 -12.63 12.82 0.70
CA ALA A 137 -12.57 13.51 -0.60
C ALA A 137 -12.63 15.01 -0.38
N THR A 138 -12.21 15.75 -1.40
CA THR A 138 -12.06 17.19 -1.24
C THR A 138 -12.51 17.87 -2.52
N CYS A 139 -13.33 18.91 -2.40
CA CYS A 139 -13.68 19.69 -3.61
C CYS A 139 -12.44 20.35 -4.22
N THR A 140 -12.23 20.12 -5.52
CA THR A 140 -11.04 20.67 -6.17
C THR A 140 -11.07 22.19 -6.31
N VAL A 141 -12.24 22.81 -6.16
CA VAL A 141 -12.36 24.25 -6.27
C VAL A 141 -12.38 24.90 -4.89
N CYS A 142 -13.34 24.52 -4.03
CA CYS A 142 -13.53 25.26 -2.78
C CYS A 142 -12.86 24.60 -1.60
N GLN A 143 -12.29 23.41 -1.78
CA GLN A 143 -11.53 22.68 -0.77
C GLN A 143 -12.39 22.13 0.40
N ARG A 144 -13.71 22.12 0.27
CA ARG A 144 -14.58 21.44 1.23
C ARG A 144 -14.31 19.95 1.33
N PRO A 145 -14.19 19.39 2.54
CA PRO A 145 -14.02 17.94 2.68
C PRO A 145 -15.32 17.20 2.79
N PHE A 146 -15.28 15.96 2.36
CA PHE A 146 -16.43 15.07 2.40
C PHE A 146 -16.00 13.69 2.82
N PRO A 147 -16.84 12.99 3.59
CA PRO A 147 -16.68 11.55 3.78
C PRO A 147 -16.74 10.85 2.44
N GLY A 148 -15.91 9.83 2.27
CA GLY A 148 -15.95 9.03 1.06
C GLY A 148 -17.33 8.48 0.76
N GLU A 149 -18.09 8.15 1.80
CA GLU A 149 -19.44 7.63 1.59
C GLU A 149 -20.33 8.63 0.85
N ASP A 150 -20.09 9.92 1.02
CA ASP A 150 -20.93 10.96 0.42
C ASP A 150 -20.86 11.00 -1.08
N ILE A 151 -19.77 10.51 -1.68
CA ILE A 151 -19.72 10.50 -3.14
C ILE A 151 -19.98 9.12 -3.69
N ARG A 152 -20.24 8.14 -2.83
CA ARG A 152 -20.33 6.77 -3.30
C ARG A 152 -21.45 6.58 -4.31
N ALA A 153 -22.62 7.18 -4.06
CA ALA A 153 -23.75 7.00 -4.97
C ALA A 153 -23.39 7.44 -6.36
N ASP A 154 -22.77 8.61 -6.48
CA ASP A 154 -22.33 9.11 -7.79
C ASP A 154 -21.34 8.15 -8.42
N VAL A 155 -20.33 7.74 -7.65
CA VAL A 155 -19.29 6.89 -8.23
C VAL A 155 -19.87 5.59 -8.75
N MET A 156 -20.80 5.00 -7.99
CA MET A 156 -21.36 3.72 -8.39
C MET A 156 -22.32 3.85 -9.57
N ALA A 157 -22.91 5.04 -9.75
CA ALA A 157 -23.76 5.33 -10.90
C ALA A 157 -23.00 5.90 -12.11
N ASP A 158 -21.66 5.89 -12.11
CA ASP A 158 -20.85 6.41 -13.21
C ASP A 158 -21.08 7.91 -13.47
N ARG A 159 -21.34 8.67 -12.41
CA ARG A 159 -21.43 10.12 -12.46
C ARG A 159 -20.22 10.73 -11.77
N VAL A 160 -19.61 11.74 -12.40
CA VAL A 160 -18.48 12.41 -11.72
C VAL A 160 -19.06 13.20 -10.54
N PRO A 161 -18.61 12.97 -9.29
CA PRO A 161 -19.17 13.69 -8.15
C PRO A 161 -18.83 15.17 -8.21
N ARG A 162 -19.85 16.00 -7.93
CA ARG A 162 -19.71 17.43 -7.91
C ARG A 162 -20.04 17.99 -6.53
N CYS A 163 -19.43 19.11 -6.24
CA CYS A 163 -19.54 19.75 -4.93
C CYS A 163 -20.94 20.36 -4.78
N PRO A 164 -21.65 20.10 -3.69
CA PRO A 164 -23.02 20.65 -3.58
C PRO A 164 -23.03 22.13 -3.30
N VAL A 165 -21.89 22.74 -2.97
CA VAL A 165 -21.85 24.18 -2.75
C VAL A 165 -21.38 24.95 -3.99
N CYS A 166 -20.30 24.52 -4.65
CA CYS A 166 -19.76 25.31 -5.77
C CYS A 166 -19.78 24.62 -7.14
N THR A 167 -20.19 23.35 -7.20
CA THR A 167 -20.25 22.45 -8.36
C THR A 167 -18.87 22.01 -8.85
N GLY A 168 -17.78 22.34 -8.16
CA GLY A 168 -16.47 21.80 -8.56
C GLY A 168 -16.46 20.28 -8.54
N VAL A 169 -15.53 19.67 -9.31
CA VAL A 169 -15.32 18.23 -9.20
C VAL A 169 -14.83 17.89 -7.79
N VAL A 170 -15.44 16.88 -7.17
CA VAL A 170 -14.97 16.40 -5.86
C VAL A 170 -14.02 15.22 -6.10
N LYS A 171 -12.77 15.38 -5.64
CA LYS A 171 -11.72 14.38 -5.88
C LYS A 171 -11.41 13.61 -4.59
N PRO A 172 -11.54 12.29 -4.62
CA PRO A 172 -11.04 11.45 -3.50
C PRO A 172 -9.63 11.84 -3.11
N ASP A 173 -9.30 11.63 -1.83
CA ASP A 173 -8.03 12.11 -1.32
C ASP A 173 -6.91 11.13 -1.68
N ILE A 174 -6.85 10.78 -2.96
CA ILE A 174 -5.72 10.04 -3.53
C ILE A 174 -4.62 11.02 -3.90
N VAL A 175 -3.37 10.71 -3.51
CA VAL A 175 -2.24 11.55 -3.89
C VAL A 175 -1.92 11.33 -5.36
N PHE A 176 -1.96 12.40 -6.15
CA PHE A 176 -1.59 12.30 -7.56
C PHE A 176 -0.11 12.64 -7.74
N PHE A 177 0.47 12.18 -8.86
CA PHE A 177 1.84 12.59 -9.15
C PHE A 177 1.94 14.11 -9.10
N GLY A 178 3.03 14.60 -8.51
CA GLY A 178 3.23 16.02 -8.36
C GLY A 178 2.63 16.60 -7.10
N GLU A 179 1.77 15.83 -6.39
CA GLU A 179 1.23 16.33 -5.11
C GLU A 179 2.06 15.89 -3.92
N PRO A 180 2.00 16.60 -2.79
CA PRO A 180 2.75 16.16 -1.61
C PRO A 180 2.05 14.96 -0.99
N LEU A 181 2.80 14.19 -0.22
CA LEU A 181 2.21 13.07 0.49
C LEU A 181 1.45 13.60 1.72
N PRO A 182 0.56 12.78 2.31
CA PRO A 182 -0.22 13.25 3.46
C PRO A 182 0.67 13.62 4.65
N GLN A 183 0.10 14.42 5.54
CA GLN A 183 0.78 14.81 6.77
C GLN A 183 1.33 13.63 7.57
N ARG A 184 0.55 12.54 7.69
CA ARG A 184 1.03 11.38 8.45
C ARG A 184 2.30 10.78 7.88
N PHE A 185 2.65 11.07 6.62
CA PHE A 185 3.90 10.53 6.08
C PHE A 185 5.07 10.99 6.93
N LEU A 186 4.97 12.18 7.55
CA LEU A 186 6.08 12.68 8.35
C LEU A 186 6.33 11.86 9.60
N LEU A 187 5.45 10.93 9.95
CA LEU A 187 5.80 9.98 11.03
C LEU A 187 7.09 9.21 10.71
N HIS A 188 7.53 9.19 9.45
CA HIS A 188 8.72 8.41 9.15
C HIS A 188 9.96 8.98 9.85
N VAL A 189 9.92 10.29 10.19
CA VAL A 189 11.07 10.92 10.85
C VAL A 189 11.33 10.28 12.21
N VAL A 190 10.28 9.92 12.95
CA VAL A 190 10.51 9.24 14.23
C VAL A 190 10.39 7.71 14.14
N ASP A 191 9.58 7.19 13.20
CA ASP A 191 9.45 5.74 13.14
C ASP A 191 10.73 5.08 12.65
N PHE A 192 11.34 5.61 11.61
CA PHE A 192 12.37 4.78 10.97
C PHE A 192 13.64 4.67 11.80
N PRO A 193 14.01 5.71 12.57
CA PRO A 193 15.13 5.52 13.53
C PRO A 193 14.79 4.58 14.66
N MET A 194 13.52 4.48 15.06
CA MET A 194 13.15 3.57 16.13
C MET A 194 13.05 2.12 15.68
N ALA A 195 12.85 1.86 14.37
CA ALA A 195 12.63 0.48 13.92
C ALA A 195 13.84 -0.41 14.21
N ASP A 196 13.58 -1.65 14.62
CA ASP A 196 14.72 -2.57 14.65
C ASP A 196 14.61 -3.68 13.59
N LEU A 197 13.63 -3.60 12.66
CA LEU A 197 13.56 -4.54 11.53
C LEU A 197 12.72 -3.81 10.49
N LEU A 198 13.12 -3.88 9.23
CA LEU A 198 12.31 -3.33 8.13
C LEU A 198 11.88 -4.48 7.24
N LEU A 199 10.57 -4.59 6.98
CA LEU A 199 10.05 -5.54 6.00
C LEU A 199 9.56 -4.73 4.80
N ILE A 200 9.89 -5.18 3.60
CA ILE A 200 9.43 -4.58 2.35
C ILE A 200 8.72 -5.69 1.57
N LEU A 201 7.43 -5.51 1.25
CA LEU A 201 6.64 -6.57 0.61
C LEU A 201 6.01 -6.03 -0.67
N GLY A 202 6.17 -6.76 -1.77
CA GLY A 202 5.32 -6.56 -2.94
C GLY A 202 5.40 -5.16 -3.52
N THR A 203 6.61 -4.66 -3.70
CA THR A 203 6.75 -3.38 -4.35
C THR A 203 8.04 -3.32 -5.15
N SER A 204 7.98 -2.56 -6.26
CA SER A 204 9.12 -2.27 -7.10
C SER A 204 9.94 -1.09 -6.60
N LEU A 205 9.45 -0.37 -5.58
CA LEU A 205 10.13 0.81 -5.07
C LEU A 205 10.49 1.79 -6.20
N GLU A 206 9.52 2.05 -7.09
CA GLU A 206 9.75 2.97 -8.22
C GLU A 206 9.13 4.35 -8.03
N VAL A 207 8.53 4.64 -6.88
CA VAL A 207 7.87 5.91 -6.66
C VAL A 207 8.49 6.56 -5.44
N GLU A 208 8.88 7.86 -5.57
CA GLU A 208 9.46 8.65 -4.51
C GLU A 208 8.40 9.58 -3.98
N PRO A 209 8.53 10.06 -2.74
CA PRO A 209 9.63 9.79 -1.79
C PRO A 209 9.48 8.50 -1.01
N PHE A 210 8.43 7.72 -1.33
CA PHE A 210 8.20 6.48 -0.59
C PHE A 210 9.42 5.57 -0.64
N ALA A 211 9.99 5.39 -1.83
CA ALA A 211 11.03 4.37 -2.02
C ALA A 211 12.25 4.67 -1.14
N SER A 212 12.59 5.95 -0.98
CA SER A 212 13.77 6.35 -0.21
CA SER A 212 13.77 6.34 -0.22
C SER A 212 13.66 6.03 1.26
N LEU A 213 12.47 5.69 1.77
CA LEU A 213 12.35 5.31 3.17
C LEU A 213 13.24 4.11 3.52
N THR A 214 13.57 3.26 2.54
CA THR A 214 14.37 2.06 2.84
C THR A 214 15.73 2.44 3.40
N GLU A 215 16.22 3.64 3.11
CA GLU A 215 17.53 4.11 3.56
C GLU A 215 17.48 4.74 4.94
N ALA A 216 16.30 4.94 5.51
CA ALA A 216 16.15 5.68 6.75
C ALA A 216 16.31 4.83 8.00
N VAL A 217 16.39 3.49 7.88
CA VAL A 217 16.65 2.71 9.08
C VAL A 217 18.16 2.76 9.37
N ARG A 218 18.49 2.53 10.63
CA ARG A 218 19.89 2.51 11.05
C ARG A 218 20.65 1.38 10.35
N SER A 219 21.96 1.58 10.18
CA SER A 219 22.74 0.60 9.41
C SER A 219 22.72 -0.79 10.03
N SER A 220 22.48 -0.92 11.33
CA SER A 220 22.46 -2.23 11.96
C SER A 220 21.18 -3.02 11.74
N VAL A 221 20.18 -2.41 11.10
CA VAL A 221 18.82 -2.93 11.10
C VAL A 221 18.66 -3.84 9.87
N PRO A 222 18.27 -5.09 10.04
CA PRO A 222 18.04 -5.95 8.86
C PRO A 222 16.90 -5.40 8.02
N ARG A 223 17.02 -5.58 6.70
CA ARG A 223 15.98 -5.20 5.74
C ARG A 223 15.60 -6.46 4.98
N LEU A 224 14.37 -6.95 5.21
CA LEU A 224 13.89 -8.16 4.54
C LEU A 224 12.94 -7.77 3.41
N LEU A 225 13.33 -8.13 2.19
CA LEU A 225 12.53 -7.92 0.99
C LEU A 225 11.84 -9.22 0.62
N ILE A 226 10.52 -9.19 0.49
CA ILE A 226 9.76 -10.33 0.00
C ILE A 226 9.03 -9.85 -1.25
N ASN A 227 9.49 -10.35 -2.41
CA ASN A 227 9.14 -9.69 -3.67
C ASN A 227 9.60 -10.59 -4.82
N ARG A 228 8.99 -10.41 -6.00
CA ARG A 228 9.44 -11.22 -7.14
C ARG A 228 10.88 -10.90 -7.53
N ASP A 229 11.28 -9.63 -7.43
CA ASP A 229 12.55 -9.15 -7.94
C ASP A 229 13.28 -8.38 -6.86
N LEU A 230 14.61 -8.39 -6.93
CA LEU A 230 15.43 -7.48 -6.13
C LEU A 230 15.28 -6.08 -6.73
N VAL A 231 15.04 -5.07 -5.89
CA VAL A 231 14.57 -3.79 -6.42
C VAL A 231 15.16 -2.60 -5.68
N GLY A 232 15.26 -1.50 -6.41
CA GLY A 232 15.42 -0.19 -5.83
C GLY A 232 16.63 -0.08 -4.94
N PRO A 233 16.53 0.80 -3.94
CA PRO A 233 17.66 1.09 -3.06
C PRO A 233 18.31 -0.16 -2.50
N LEU A 234 17.61 -1.30 -2.48
CA LEU A 234 18.26 -2.55 -2.06
C LEU A 234 19.14 -3.14 -3.14
N ALA A 235 18.83 -2.85 -4.42
CA ALA A 235 19.65 -3.39 -5.50
C ALA A 235 20.95 -2.61 -5.69
N TRP A 236 20.94 -1.28 -5.53
CA TRP A 236 22.13 -0.47 -5.77
C TRP A 236 22.85 0.03 -4.53
N HIS A 237 22.23 -0.03 -3.35
CA HIS A 237 22.93 0.30 -2.10
C HIS A 237 22.75 -0.84 -1.11
N PRO A 238 23.24 -2.04 -1.44
CA PRO A 238 23.03 -3.19 -0.54
C PRO A 238 23.71 -2.97 0.80
N ARG A 239 23.07 -3.44 1.87
CA ARG A 239 23.64 -3.37 3.20
C ARG A 239 23.83 -4.78 3.74
N SER A 240 24.69 -4.88 4.77
CA SER A 240 25.21 -6.19 5.16
C SER A 240 24.12 -7.08 5.77
N ARG A 241 23.07 -6.49 6.38
CA ARG A 241 22.02 -7.27 7.00
C ARG A 241 20.74 -7.32 6.14
N ASP A 242 20.87 -7.07 4.84
CA ASP A 242 19.75 -7.21 3.91
C ASP A 242 19.47 -8.67 3.61
N VAL A 243 18.20 -8.99 3.44
CA VAL A 243 17.78 -10.34 3.08
C VAL A 243 16.78 -10.21 1.96
N ALA A 244 16.97 -10.98 0.88
CA ALA A 244 16.04 -11.00 -0.24
C ALA A 244 15.39 -12.37 -0.31
N GLN A 245 14.08 -12.42 -0.14
CA GLN A 245 13.32 -13.65 -0.29
C GLN A 245 12.57 -13.50 -1.61
N LEU A 246 13.20 -13.96 -2.71
CA LEU A 246 12.70 -13.64 -4.02
C LEU A 246 11.75 -14.72 -4.52
N GLY A 247 10.63 -14.31 -5.05
CA GLY A 247 9.59 -15.24 -5.44
C GLY A 247 8.23 -14.61 -5.23
N ASP A 248 7.22 -15.44 -5.41
CA ASP A 248 5.87 -15.02 -5.16
C ASP A 248 5.72 -14.47 -3.74
N VAL A 249 5.03 -13.34 -3.60
CA VAL A 249 4.96 -12.66 -2.29
C VAL A 249 4.22 -13.51 -1.29
N VAL A 250 3.09 -14.07 -1.71
CA VAL A 250 2.32 -14.87 -0.76
C VAL A 250 3.12 -16.08 -0.31
N HIS A 251 3.84 -16.74 -1.23
CA HIS A 251 4.63 -17.90 -0.76
C HIS A 251 5.76 -17.47 0.17
N GLY A 252 6.40 -16.32 -0.10
CA GLY A 252 7.43 -15.84 0.84
C GLY A 252 6.82 -15.56 2.21
N VAL A 253 5.64 -14.95 2.23
CA VAL A 253 4.95 -14.70 3.50
C VAL A 253 4.58 -15.99 4.20
N GLU A 254 4.03 -16.97 3.46
CA GLU A 254 3.71 -18.26 4.08
C GLU A 254 4.96 -18.92 4.70
N SER A 255 6.10 -18.82 4.01
CA SER A 255 7.34 -19.42 4.52
C SER A 255 7.76 -18.71 5.80
N LEU A 256 7.65 -17.37 5.80
CA LEU A 256 8.06 -16.65 7.02
C LEU A 256 7.10 -16.94 8.16
N VAL A 257 5.79 -16.97 7.89
CA VAL A 257 4.78 -17.32 8.90
C VAL A 257 5.08 -18.69 9.52
N GLU A 258 5.44 -19.68 8.69
CA GLU A 258 5.74 -21.00 9.26
C GLU A 258 6.99 -20.95 10.14
N LEU A 259 8.03 -20.26 9.69
CA LEU A 259 9.25 -20.13 10.49
C LEU A 259 9.00 -19.40 11.78
N LEU A 260 8.02 -18.49 11.82
CA LEU A 260 7.72 -17.76 13.03
C LEU A 260 6.90 -18.58 14.00
N GLY A 261 6.31 -19.68 13.53
CA GLY A 261 5.44 -20.48 14.36
C GLY A 261 4.02 -20.02 14.40
N TRP A 262 3.56 -19.33 13.34
CA TRP A 262 2.26 -18.67 13.37
C TRP A 262 1.24 -19.32 12.45
N THR A 263 1.54 -20.44 11.82
CA THR A 263 0.67 -20.87 10.70
C THR A 263 -0.76 -21.11 11.15
N GLU A 264 -0.97 -21.96 12.18
CA GLU A 264 -2.37 -22.28 12.51
C GLU A 264 -3.12 -21.06 13.00
N GLU A 265 -2.41 -20.19 13.74
CA GLU A 265 -3.05 -18.98 14.21
C GLU A 265 -3.44 -18.08 13.03
N MET A 266 -2.57 -18.02 12.02
CA MET A 266 -2.88 -17.18 10.86
C MET A 266 -4.11 -17.73 10.14
N ARG A 267 -4.20 -19.04 10.00
CA ARG A 267 -5.35 -19.59 9.27
C ARG A 267 -6.63 -19.35 10.05
N ASP A 268 -6.60 -19.50 11.36
CA ASP A 268 -7.78 -19.18 12.17
C ASP A 268 -8.20 -17.73 11.99
N LEU A 269 -7.23 -16.79 12.02
CA LEU A 269 -7.53 -15.37 11.88
C LEU A 269 -8.18 -15.10 10.53
N VAL A 270 -7.59 -15.68 9.48
CA VAL A 270 -8.09 -15.43 8.13
C VAL A 270 -9.51 -15.97 8.00
N GLN A 271 -9.75 -17.20 8.46
CA GLN A 271 -11.13 -17.74 8.37
C GLN A 271 -12.12 -16.81 9.06
N ARG A 272 -11.83 -16.43 10.30
CA ARG A 272 -12.78 -15.62 11.04
C ARG A 272 -12.97 -14.24 10.42
N GLU A 273 -11.89 -13.60 9.96
CA GLU A 273 -12.03 -12.27 9.37
C GLU A 273 -12.71 -12.31 8.00
N THR A 274 -12.22 -13.14 7.08
CA THR A 274 -12.85 -13.11 5.76
C THR A 274 -14.31 -13.52 5.87
N GLY A 275 -14.65 -14.26 6.93
CA GLY A 275 -16.04 -14.64 7.14
C GLY A 275 -16.90 -13.45 7.51
N LYS A 276 -16.38 -12.54 8.34
CA LYS A 276 -17.13 -11.32 8.67
C LYS A 276 -17.44 -10.48 7.44
N LEU A 277 -16.62 -10.58 6.38
CA LEU A 277 -16.75 -9.65 5.25
C LEU A 277 -17.84 -10.05 4.24
N SER B 1 5.80 14.79 1.09
CA SER B 1 6.26 15.39 2.36
C SER B 1 7.69 14.91 2.75
N TYR B 2 8.33 14.25 1.78
CA TYR B 2 9.78 14.10 1.66
C TYR B 2 10.20 14.57 0.27
N GLY B 3 9.34 15.36 -0.37
CA GLY B 3 9.24 15.54 -1.80
C GLY B 3 7.81 15.32 -2.28
N ARG B 4 7.58 15.68 -3.53
CA ARG B 4 6.25 15.40 -4.13
C ARG B 4 6.24 13.99 -4.71
OH ALY B 5 0.38 5.87 -6.95
CH ALY B 5 -0.34 6.83 -6.58
CH3 ALY B 5 -1.84 6.73 -6.43
NZ ALY B 5 0.21 8.04 -6.30
CE ALY B 5 1.64 8.31 -6.41
CD ALY B 5 1.89 9.76 -5.89
CG ALY B 5 3.40 10.08 -5.88
CB ALY B 5 3.50 11.55 -5.48
CA ALY B 5 4.95 12.07 -5.41
N ALY B 5 5.05 13.40 -4.83
C ALY B 5 5.50 12.11 -6.82
O ALY B 5 5.07 12.87 -7.67
N LYS B 6 6.45 11.22 -7.08
CA LYS B 6 7.19 11.28 -8.35
C LYS B 6 7.70 9.92 -8.80
N ARG B 7 7.64 9.66 -10.09
CA ARG B 7 8.15 8.42 -10.68
C ARG B 7 9.67 8.51 -10.77
N ARG B 8 10.35 7.49 -10.22
CA ARG B 8 11.80 7.43 -10.32
C ARG B 8 12.27 7.24 -11.76
N GLN B 9 11.41 6.79 -12.68
CA GLN B 9 11.62 6.91 -14.14
C GLN B 9 10.26 6.92 -14.90
ZN ZN C . -16.79 23.11 -3.80
#